data_2KVX
#
_entry.id   2KVX
#
_entity_poly.entity_id   1
_entity_poly.type   'polypeptide(L)'
_entity_poly.pdbx_seq_one_letter_code
;GSLCGDTCFVLGCNDSSCSCNYPICVKD
;
_entity_poly.pdbx_strand_id   A
#
# COMPACT_ATOMS: atom_id res chain seq x y z
N GLY A 1 -9.37 2.14 4.63
CA GLY A 1 -9.12 2.74 5.92
C GLY A 1 -8.31 1.81 6.79
N SER A 2 -7.51 0.97 6.16
CA SER A 2 -6.68 0.01 6.86
C SER A 2 -5.44 -0.30 6.02
N LEU A 3 -4.47 -0.97 6.62
CA LEU A 3 -3.25 -1.33 5.92
C LEU A 3 -3.54 -2.34 4.80
N CYS A 4 -2.88 -2.16 3.67
CA CYS A 4 -3.07 -3.03 2.52
C CYS A 4 -2.38 -4.37 2.78
N GLY A 5 -1.20 -4.29 3.39
CA GLY A 5 -0.45 -5.49 3.69
C GLY A 5 0.92 -5.45 3.06
N ASP A 6 0.97 -4.91 1.86
CA ASP A 6 2.20 -4.78 1.11
C ASP A 6 2.88 -3.44 1.40
N THR A 7 3.97 -3.18 0.69
CA THR A 7 4.72 -1.95 0.86
C THR A 7 5.06 -1.34 -0.49
N CYS A 8 5.00 -0.02 -0.57
CA CYS A 8 5.29 0.67 -1.82
C CYS A 8 6.74 1.16 -1.86
N PHE A 9 7.43 1.05 -0.74
CA PHE A 9 8.81 1.49 -0.66
C PHE A 9 9.73 0.58 -1.47
N VAL A 10 9.32 -0.68 -1.64
CA VAL A 10 10.10 -1.64 -2.40
C VAL A 10 9.89 -1.48 -3.91
N LEU A 11 8.66 -1.67 -4.34
CA LEU A 11 8.33 -1.54 -5.76
C LEU A 11 7.05 -0.72 -5.95
N GLY A 12 5.98 -1.17 -5.35
CA GLY A 12 4.71 -0.48 -5.46
C GLY A 12 3.56 -1.31 -4.93
N CYS A 13 2.45 -0.65 -4.63
CA CYS A 13 1.26 -1.34 -4.10
C CYS A 13 0.66 -2.26 -5.16
N ASN A 14 0.27 -3.46 -4.73
CA ASN A 14 -0.33 -4.43 -5.63
C ASN A 14 -1.77 -4.05 -5.98
N ASP A 15 -2.57 -3.80 -4.95
CA ASP A 15 -3.97 -3.42 -5.14
C ASP A 15 -4.06 -1.97 -5.61
N SER A 16 -4.90 -1.73 -6.60
CA SER A 16 -5.08 -0.40 -7.17
C SER A 16 -5.72 0.57 -6.18
N SER A 17 -6.39 0.05 -5.17
CA SER A 17 -7.05 0.90 -4.18
C SER A 17 -6.10 1.21 -3.02
N CYS A 18 -4.94 0.58 -3.03
CA CYS A 18 -3.96 0.81 -1.98
C CYS A 18 -3.03 1.96 -2.35
N SER A 19 -3.06 3.01 -1.54
CA SER A 19 -2.24 4.17 -1.77
C SER A 19 -0.83 3.97 -1.20
N CYS A 20 0.16 4.51 -1.90
CA CYS A 20 1.55 4.41 -1.51
C CYS A 20 1.89 5.32 -0.33
N ASN A 21 1.37 4.99 0.83
CA ASN A 21 1.65 5.77 2.04
C ASN A 21 2.90 5.21 2.69
N TYR A 22 4.03 5.38 1.99
CA TYR A 22 5.35 4.90 2.41
C TYR A 22 5.52 4.83 3.92
N PRO A 23 6.09 3.72 4.41
CA PRO A 23 6.57 2.63 3.56
C PRO A 23 5.48 1.62 3.14
N ILE A 24 4.48 1.42 4.00
CA ILE A 24 3.42 0.45 3.73
C ILE A 24 2.26 1.05 2.94
N CYS A 25 1.56 0.21 2.19
CA CYS A 25 0.42 0.67 1.40
C CYS A 25 -0.85 0.56 2.24
N VAL A 26 -1.80 1.45 1.98
CA VAL A 26 -3.07 1.43 2.73
C VAL A 26 -4.26 1.55 1.79
N LYS A 27 -5.36 0.92 2.14
CA LYS A 27 -6.56 0.96 1.31
C LYS A 27 -7.81 1.09 2.18
N ASP A 28 -8.78 1.83 1.66
CA ASP A 28 -10.08 2.05 2.33
C ASP A 28 -9.90 2.83 3.63
N GLY A 1 -8.15 2.80 4.94
CA GLY A 1 -7.62 2.80 6.29
C GLY A 1 -6.93 1.49 6.68
N SER A 2 -7.22 0.42 5.95
CA SER A 2 -6.62 -0.88 6.25
C SER A 2 -5.31 -1.06 5.48
N LEU A 3 -4.44 -1.90 6.01
CA LEU A 3 -3.16 -2.17 5.38
C LEU A 3 -3.35 -2.98 4.09
N CYS A 4 -2.49 -2.75 3.13
CA CYS A 4 -2.57 -3.45 1.85
C CYS A 4 -1.18 -3.73 1.30
N GLY A 5 -0.96 -4.97 0.88
CA GLY A 5 0.33 -5.35 0.35
C GLY A 5 1.43 -5.30 1.39
N ASP A 6 2.45 -4.51 1.13
CA ASP A 6 3.56 -4.37 2.05
C ASP A 6 4.16 -2.97 1.97
N THR A 7 5.46 -2.87 2.20
CA THR A 7 6.18 -1.63 2.12
C THR A 7 6.40 -1.24 0.67
N CYS A 8 6.52 0.05 0.40
CA CYS A 8 6.75 0.52 -0.96
C CYS A 8 8.24 0.45 -1.28
N PHE A 9 8.87 -0.61 -0.79
CA PHE A 9 10.27 -0.86 -1.00
C PHE A 9 10.46 -1.99 -2.00
N VAL A 10 9.69 -3.06 -1.82
CA VAL A 10 9.76 -4.22 -2.70
C VAL A 10 8.72 -4.13 -3.80
N LEU A 11 7.48 -3.89 -3.40
CA LEU A 11 6.38 -3.78 -4.36
C LEU A 11 5.33 -2.82 -3.80
N GLY A 12 4.97 -3.02 -2.54
CA GLY A 12 4.00 -2.17 -1.91
C GLY A 12 2.59 -2.65 -2.11
N CYS A 13 2.07 -2.53 -3.32
CA CYS A 13 0.71 -2.96 -3.60
C CYS A 13 0.43 -3.01 -5.10
N ASN A 14 -0.06 -4.16 -5.54
CA ASN A 14 -0.41 -4.37 -6.93
C ASN A 14 -1.78 -3.78 -7.22
N ASP A 15 -2.63 -3.79 -6.20
CA ASP A 15 -3.98 -3.27 -6.30
C ASP A 15 -3.95 -1.76 -6.52
N SER A 16 -4.62 -1.32 -7.59
CA SER A 16 -4.68 0.09 -7.93
C SER A 16 -5.57 0.86 -6.96
N SER A 17 -6.28 0.14 -6.11
CA SER A 17 -7.15 0.75 -5.13
C SER A 17 -6.38 1.09 -3.87
N CYS A 18 -5.21 0.48 -3.72
CA CYS A 18 -4.36 0.71 -2.57
C CYS A 18 -3.40 1.85 -2.87
N SER A 19 -3.25 2.76 -1.92
CA SER A 19 -2.37 3.90 -2.10
C SER A 19 -1.11 3.72 -1.26
N CYS A 20 0.02 4.13 -1.79
CA CYS A 20 1.27 4.01 -1.08
C CYS A 20 1.46 5.13 -0.08
N ASN A 21 1.10 4.86 1.17
CA ASN A 21 1.28 5.82 2.24
C ASN A 21 2.66 5.57 2.82
N TYR A 22 3.66 6.16 2.14
CA TYR A 22 5.07 6.01 2.46
C TYR A 22 5.35 5.70 3.94
N PRO A 23 6.05 4.57 4.19
CA PRO A 23 6.55 3.67 3.16
C PRO A 23 5.75 2.36 3.04
N ILE A 24 4.43 2.41 3.21
CA ILE A 24 3.60 1.20 3.10
C ILE A 24 2.28 1.49 2.39
N CYS A 25 1.70 0.49 1.75
CA CYS A 25 0.45 0.67 1.03
C CYS A 25 -0.76 0.46 1.94
N VAL A 26 -1.77 1.32 1.76
CA VAL A 26 -3.00 1.25 2.55
C VAL A 26 -4.22 1.40 1.65
N LYS A 27 -5.34 0.89 2.11
CA LYS A 27 -6.60 0.98 1.38
C LYS A 27 -7.75 1.01 2.37
N ASP A 28 -8.56 2.06 2.29
CA ASP A 28 -9.71 2.23 3.17
C ASP A 28 -9.27 2.15 4.64
N GLY A 1 -9.17 2.81 4.75
CA GLY A 1 -8.81 3.17 6.11
C GLY A 1 -8.19 2.03 6.89
N SER A 2 -7.63 1.06 6.18
CA SER A 2 -7.01 -0.10 6.80
C SER A 2 -5.69 -0.41 6.13
N LEU A 3 -4.79 -1.07 6.86
CA LEU A 3 -3.49 -1.44 6.32
C LEU A 3 -3.63 -2.61 5.36
N CYS A 4 -3.11 -2.45 4.15
CA CYS A 4 -3.17 -3.51 3.14
C CYS A 4 -2.23 -4.65 3.49
N GLY A 5 -1.22 -4.34 4.29
CA GLY A 5 -0.22 -5.33 4.66
C GLY A 5 0.77 -5.54 3.55
N ASP A 6 0.84 -4.55 2.66
CA ASP A 6 1.73 -4.56 1.52
C ASP A 6 2.60 -3.31 1.58
N THR A 7 3.81 -3.40 1.05
CA THR A 7 4.74 -2.27 1.05
C THR A 7 4.94 -1.68 -0.34
N CYS A 8 4.94 -0.36 -0.42
CA CYS A 8 5.13 0.33 -1.68
C CYS A 8 6.56 0.86 -1.81
N PHE A 9 7.26 0.92 -0.69
CA PHE A 9 8.63 1.41 -0.66
C PHE A 9 9.56 0.54 -1.50
N VAL A 10 9.22 -0.74 -1.64
CA VAL A 10 10.04 -1.68 -2.41
C VAL A 10 9.96 -1.35 -3.90
N LEU A 11 8.76 -1.37 -4.45
CA LEU A 11 8.54 -1.07 -5.85
C LEU A 11 7.13 -0.52 -6.05
N GLY A 12 6.16 -1.28 -5.58
CA GLY A 12 4.78 -0.90 -5.69
C GLY A 12 3.87 -1.97 -5.14
N CYS A 13 2.80 -1.56 -4.47
CA CYS A 13 1.86 -2.50 -3.88
C CYS A 13 1.04 -3.21 -4.95
N ASN A 14 0.69 -4.46 -4.68
CA ASN A 14 -0.09 -5.28 -5.59
C ASN A 14 -1.47 -4.68 -5.88
N ASP A 15 -2.21 -4.39 -4.82
CA ASP A 15 -3.54 -3.80 -4.98
C ASP A 15 -3.44 -2.37 -5.47
N SER A 16 -4.09 -2.09 -6.59
CA SER A 16 -4.07 -0.77 -7.19
C SER A 16 -4.88 0.26 -6.39
N SER A 17 -5.73 -0.22 -5.50
CA SER A 17 -6.56 0.67 -4.69
C SER A 17 -5.85 1.04 -3.38
N CYS A 18 -4.69 0.46 -3.14
CA CYS A 18 -3.93 0.75 -1.94
C CYS A 18 -3.03 1.96 -2.17
N SER A 19 -3.17 2.96 -1.32
CA SER A 19 -2.36 4.16 -1.44
C SER A 19 -0.98 3.90 -0.88
N CYS A 20 0.02 4.42 -1.56
CA CYS A 20 1.41 4.25 -1.16
C CYS A 20 1.77 5.11 0.06
N ASN A 21 1.25 4.70 1.21
CA ASN A 21 1.53 5.39 2.46
C ASN A 21 2.80 4.78 3.05
N TYR A 22 3.93 5.12 2.43
CA TYR A 22 5.25 4.63 2.81
C TYR A 22 5.39 4.43 4.31
N PRO A 23 6.01 3.31 4.71
CA PRO A 23 6.55 2.30 3.78
C PRO A 23 5.49 1.36 3.17
N ILE A 24 4.41 1.13 3.90
CA ILE A 24 3.36 0.22 3.44
C ILE A 24 2.28 0.94 2.60
N CYS A 25 1.14 0.28 2.46
CA CYS A 25 0.02 0.81 1.71
C CYS A 25 -1.26 0.77 2.53
N VAL A 26 -2.12 1.76 2.33
CA VAL A 26 -3.39 1.84 3.06
C VAL A 26 -4.57 1.81 2.09
N LYS A 27 -5.64 1.16 2.50
CA LYS A 27 -6.85 1.05 1.69
C LYS A 27 -8.07 0.92 2.59
N ASP A 28 -9.13 1.64 2.24
CA ASP A 28 -10.38 1.63 3.02
C ASP A 28 -10.12 1.91 4.50
N GLY A 1 -9.39 2.14 4.63
CA GLY A 1 -9.20 2.94 5.81
C GLY A 1 -8.26 2.26 6.78
N SER A 2 -7.40 1.40 6.24
CA SER A 2 -6.45 0.66 7.04
C SER A 2 -5.19 0.39 6.22
N LEU A 3 -4.38 -0.56 6.68
CA LEU A 3 -3.15 -0.93 5.99
C LEU A 3 -3.46 -1.80 4.78
N CYS A 4 -2.53 -1.89 3.85
CA CYS A 4 -2.72 -2.67 2.64
C CYS A 4 -1.41 -3.30 2.17
N GLY A 5 -1.47 -4.59 1.88
CA GLY A 5 -0.31 -5.31 1.39
C GLY A 5 0.85 -5.25 2.35
N ASP A 6 1.97 -4.76 1.86
CA ASP A 6 3.18 -4.63 2.66
C ASP A 6 3.74 -3.23 2.47
N THR A 7 5.05 -3.13 2.32
CA THR A 7 5.71 -1.87 2.13
C THR A 7 5.76 -1.48 0.66
N CYS A 8 5.62 -0.19 0.38
CA CYS A 8 5.63 0.31 -0.98
C CYS A 8 7.04 0.62 -1.44
N PHE A 9 7.97 0.76 -0.49
CA PHE A 9 9.35 1.07 -0.83
C PHE A 9 10.05 -0.11 -1.51
N VAL A 10 9.47 -1.30 -1.37
CA VAL A 10 10.05 -2.50 -1.99
C VAL A 10 9.74 -2.52 -3.48
N LEU A 11 8.48 -2.27 -3.83
CA LEU A 11 8.05 -2.25 -5.22
C LEU A 11 6.86 -1.31 -5.38
N GLY A 12 5.77 -1.63 -4.72
CA GLY A 12 4.59 -0.80 -4.81
C GLY A 12 3.31 -1.61 -4.84
N CYS A 13 2.36 -1.23 -4.00
CA CYS A 13 1.07 -1.92 -3.93
C CYS A 13 0.14 -1.37 -5.01
N ASN A 14 0.46 -1.67 -6.26
CA ASN A 14 -0.33 -1.19 -7.40
C ASN A 14 -1.66 -1.95 -7.53
N ASP A 15 -2.40 -2.04 -6.44
CA ASP A 15 -3.70 -2.71 -6.45
C ASP A 15 -4.76 -1.78 -7.01
N SER A 16 -5.85 -2.34 -7.52
CA SER A 16 -6.93 -1.56 -8.08
C SER A 16 -7.70 -0.78 -7.01
N SER A 17 -7.56 -1.21 -5.77
CA SER A 17 -8.25 -0.56 -4.66
C SER A 17 -7.31 -0.33 -3.47
N CYS A 18 -6.06 0.00 -3.77
CA CYS A 18 -5.07 0.23 -2.73
C CYS A 18 -4.19 1.42 -3.09
N SER A 19 -3.67 2.12 -2.10
CA SER A 19 -2.83 3.27 -2.35
C SER A 19 -1.45 3.04 -1.76
N CYS A 20 -0.44 3.47 -2.48
CA CYS A 20 0.93 3.33 -2.03
C CYS A 20 1.25 4.36 -0.98
N ASN A 21 1.88 3.91 0.09
CA ASN A 21 2.27 4.76 1.18
C ASN A 21 3.56 4.20 1.75
N TYR A 22 4.30 5.04 2.44
CA TYR A 22 5.55 4.62 3.02
C TYR A 22 5.50 4.68 4.53
N PRO A 23 5.99 3.63 5.20
CA PRO A 23 6.59 2.46 4.54
C PRO A 23 5.54 1.51 3.95
N ILE A 24 4.49 1.26 4.70
CA ILE A 24 3.42 0.35 4.27
C ILE A 24 2.32 1.09 3.50
N CYS A 25 1.58 0.34 2.68
CA CYS A 25 0.50 0.92 1.88
C CYS A 25 -0.80 0.98 2.67
N VAL A 26 -1.84 1.59 2.09
CA VAL A 26 -3.13 1.72 2.75
C VAL A 26 -4.28 1.37 1.81
N LYS A 27 -5.37 0.89 2.39
CA LYS A 27 -6.55 0.51 1.62
C LYS A 27 -7.82 0.74 2.43
N ASP A 28 -8.80 1.37 1.79
CA ASP A 28 -10.12 1.66 2.38
C ASP A 28 -10.01 2.62 3.56
N GLY A 1 -9.17 2.72 4.14
CA GLY A 1 -9.01 3.44 5.38
C GLY A 1 -8.28 2.63 6.45
N SER A 2 -7.49 1.65 6.00
CA SER A 2 -6.74 0.82 6.91
C SER A 2 -5.46 0.33 6.23
N LEU A 3 -4.86 -0.73 6.77
CA LEU A 3 -3.64 -1.27 6.21
C LEU A 3 -3.95 -2.17 5.01
N CYS A 4 -3.21 -1.97 3.93
CA CYS A 4 -3.39 -2.77 2.72
C CYS A 4 -2.78 -4.15 2.92
N GLY A 5 -1.63 -4.19 3.57
CA GLY A 5 -0.95 -5.44 3.83
C GLY A 5 0.50 -5.40 3.40
N ASP A 6 0.71 -5.09 2.13
CA ASP A 6 2.07 -5.02 1.58
C ASP A 6 2.64 -3.60 1.74
N THR A 7 3.92 -3.47 1.46
CA THR A 7 4.61 -2.20 1.56
C THR A 7 4.97 -1.67 0.18
N CYS A 8 4.94 -0.36 0.01
CA CYS A 8 5.31 0.24 -1.27
C CYS A 8 6.82 0.51 -1.28
N PHE A 9 7.54 -0.37 -0.59
CA PHE A 9 8.99 -0.26 -0.50
C PHE A 9 9.66 -1.06 -1.61
N VAL A 10 9.09 -2.21 -1.94
CA VAL A 10 9.64 -3.08 -2.96
C VAL A 10 9.57 -2.43 -4.34
N LEU A 11 8.38 -2.05 -4.74
CA LEU A 11 8.17 -1.41 -6.04
C LEU A 11 6.94 -0.52 -5.99
N GLY A 12 5.83 -1.09 -5.55
CA GLY A 12 4.60 -0.37 -5.45
C GLY A 12 3.50 -1.25 -4.93
N CYS A 13 2.41 -0.63 -4.47
CA CYS A 13 1.28 -1.39 -3.94
C CYS A 13 0.67 -2.28 -5.00
N ASN A 14 0.43 -3.54 -4.65
CA ASN A 14 -0.14 -4.52 -5.57
C ASN A 14 -1.57 -4.14 -5.94
N ASP A 15 -2.39 -3.87 -4.93
CA ASP A 15 -3.77 -3.47 -5.16
C ASP A 15 -3.81 -2.02 -5.58
N SER A 16 -4.54 -1.74 -6.65
CA SER A 16 -4.65 -0.38 -7.20
C SER A 16 -5.35 0.58 -6.23
N SER A 17 -6.06 0.03 -5.27
CA SER A 17 -6.77 0.84 -4.30
C SER A 17 -5.88 1.17 -3.10
N CYS A 18 -4.71 0.57 -3.06
CA CYS A 18 -3.77 0.80 -1.97
C CYS A 18 -2.85 1.97 -2.30
N SER A 19 -2.85 2.97 -1.44
CA SER A 19 -2.01 4.14 -1.63
C SER A 19 -0.61 3.89 -1.07
N CYS A 20 0.38 4.43 -1.75
CA CYS A 20 1.78 4.27 -1.36
C CYS A 20 2.17 5.22 -0.24
N ASN A 21 1.58 5.02 0.93
CA ASN A 21 1.90 5.84 2.10
C ASN A 21 3.08 5.23 2.82
N TYR A 22 4.25 5.33 2.17
CA TYR A 22 5.52 4.78 2.66
C TYR A 22 5.62 4.75 4.18
N PRO A 23 6.11 3.62 4.72
CA PRO A 23 6.53 2.47 3.92
C PRO A 23 5.40 1.50 3.54
N ILE A 24 4.37 1.42 4.37
CA ILE A 24 3.26 0.49 4.14
C ILE A 24 2.17 1.08 3.25
N CYS A 25 1.44 0.21 2.56
CA CYS A 25 0.36 0.64 1.70
C CYS A 25 -0.93 0.72 2.49
N VAL A 26 -1.74 1.73 2.22
CA VAL A 26 -3.01 1.89 2.92
C VAL A 26 -4.18 1.69 1.97
N LYS A 27 -5.22 1.01 2.44
CA LYS A 27 -6.39 0.73 1.63
C LYS A 27 -7.62 0.61 2.51
N ASP A 28 -8.77 1.04 1.98
CA ASP A 28 -10.05 0.98 2.70
C ASP A 28 -9.97 1.65 4.07
N GLY A 1 -9.15 3.06 4.71
CA GLY A 1 -8.79 3.60 6.01
C GLY A 1 -8.00 2.61 6.86
N SER A 2 -7.80 1.41 6.35
CA SER A 2 -7.07 0.38 7.06
C SER A 2 -5.72 0.11 6.40
N LEU A 3 -4.80 -0.47 7.16
CA LEU A 3 -3.48 -0.79 6.65
C LEU A 3 -3.57 -1.93 5.64
N CYS A 4 -3.04 -1.72 4.46
CA CYS A 4 -3.06 -2.73 3.42
C CYS A 4 -1.89 -3.70 3.63
N GLY A 5 -2.14 -4.99 3.39
CA GLY A 5 -1.12 -6.00 3.58
C GLY A 5 -0.06 -6.00 2.47
N ASP A 6 0.45 -4.83 2.14
CA ASP A 6 1.48 -4.69 1.12
C ASP A 6 2.34 -3.48 1.43
N THR A 7 3.49 -3.38 0.79
CA THR A 7 4.40 -2.28 1.00
C THR A 7 4.84 -1.63 -0.31
N CYS A 8 4.91 -0.31 -0.31
CA CYS A 8 5.33 0.44 -1.49
C CYS A 8 6.80 0.82 -1.42
N PHE A 9 7.46 0.48 -0.31
CA PHE A 9 8.86 0.83 -0.15
C PHE A 9 9.74 0.06 -1.14
N VAL A 10 9.27 -1.10 -1.57
CA VAL A 10 10.00 -1.91 -2.53
C VAL A 10 10.02 -1.25 -3.90
N LEU A 11 8.83 -1.06 -4.46
CA LEU A 11 8.70 -0.42 -5.77
C LEU A 11 7.33 0.23 -5.86
N GLY A 12 6.31 -0.56 -5.61
CA GLY A 12 4.94 -0.08 -5.67
C GLY A 12 3.97 -1.14 -5.20
N CYS A 13 2.83 -0.71 -4.69
CA CYS A 13 1.82 -1.65 -4.19
C CYS A 13 1.27 -2.50 -5.32
N ASN A 14 1.09 -3.79 -5.06
CA ASN A 14 0.59 -4.72 -6.06
C ASN A 14 -0.90 -4.45 -6.33
N ASP A 15 -1.65 -4.19 -5.27
CA ASP A 15 -3.08 -3.91 -5.42
C ASP A 15 -3.28 -2.45 -5.82
N SER A 16 -3.94 -2.26 -6.96
CA SER A 16 -4.20 -0.92 -7.48
C SER A 16 -5.22 -0.18 -6.62
N SER A 17 -5.86 -0.90 -5.70
CA SER A 17 -6.85 -0.31 -4.82
C SER A 17 -6.19 0.25 -3.57
N CYS A 18 -5.02 -0.29 -3.22
CA CYS A 18 -4.29 0.17 -2.05
C CYS A 18 -3.38 1.34 -2.41
N SER A 19 -3.49 2.43 -1.65
CA SER A 19 -2.70 3.61 -1.89
C SER A 19 -1.34 3.48 -1.20
N CYS A 20 -0.34 4.08 -1.80
CA CYS A 20 1.01 4.03 -1.25
C CYS A 20 1.16 4.98 -0.07
N ASN A 21 1.64 4.43 1.03
CA ASN A 21 1.87 5.17 2.26
C ASN A 21 3.09 4.56 2.91
N TYR A 22 4.25 4.85 2.32
CA TYR A 22 5.54 4.32 2.76
C TYR A 22 5.64 4.19 4.27
N PRO A 23 6.15 3.04 4.74
CA PRO A 23 6.62 1.96 3.86
C PRO A 23 5.52 1.04 3.29
N ILE A 24 4.41 0.91 4.00
CA ILE A 24 3.32 0.02 3.58
C ILE A 24 2.28 0.71 2.68
N CYS A 25 1.14 0.06 2.52
CA CYS A 25 0.04 0.58 1.72
C CYS A 25 -1.17 0.83 2.61
N VAL A 26 -2.10 1.66 2.15
CA VAL A 26 -3.31 1.95 2.92
C VAL A 26 -4.54 1.91 2.03
N LYS A 27 -5.60 1.27 2.52
CA LYS A 27 -6.84 1.17 1.76
C LYS A 27 -8.02 1.04 2.71
N ASP A 28 -9.13 1.68 2.36
CA ASP A 28 -10.35 1.64 3.16
C ASP A 28 -10.08 2.13 4.59
N GLY A 1 -9.16 2.02 4.56
CA GLY A 1 -8.83 2.42 5.90
C GLY A 1 -8.11 1.33 6.64
N SER A 2 -7.38 0.52 5.89
CA SER A 2 -6.63 -0.59 6.46
C SER A 2 -5.38 -0.85 5.62
N LEU A 3 -4.37 -1.45 6.24
CA LEU A 3 -3.13 -1.75 5.55
C LEU A 3 -3.33 -2.88 4.55
N CYS A 4 -2.81 -2.69 3.34
CA CYS A 4 -2.91 -3.69 2.30
C CYS A 4 -2.03 -4.90 2.62
N GLY A 5 -0.92 -4.61 3.29
CA GLY A 5 0.01 -5.66 3.67
C GLY A 5 1.33 -5.52 2.95
N ASP A 6 1.25 -5.14 1.68
CA ASP A 6 2.43 -4.96 0.85
C ASP A 6 2.97 -3.54 0.98
N THR A 7 4.29 -3.42 0.94
CA THR A 7 4.95 -2.13 1.04
C THR A 7 5.19 -1.55 -0.34
N CYS A 8 5.00 -0.25 -0.50
CA CYS A 8 5.18 0.39 -1.79
C CYS A 8 6.62 0.87 -2.00
N PHE A 9 7.37 1.01 -0.93
CA PHE A 9 8.74 1.47 -1.03
C PHE A 9 9.62 0.45 -1.75
N VAL A 10 9.19 -0.81 -1.75
CA VAL A 10 9.95 -1.87 -2.41
C VAL A 10 9.67 -1.88 -3.91
N LEU A 11 8.40 -1.93 -4.27
CA LEU A 11 8.00 -1.95 -5.68
C LEU A 11 6.78 -1.06 -5.91
N GLY A 12 5.73 -1.32 -5.16
CA GLY A 12 4.51 -0.54 -5.29
C GLY A 12 3.39 -1.14 -4.48
N CYS A 13 2.16 -0.98 -4.96
CA CYS A 13 1.00 -1.51 -4.26
C CYS A 13 0.30 -2.55 -5.13
N ASN A 14 -0.05 -3.67 -4.53
CA ASN A 14 -0.71 -4.75 -5.23
C ASN A 14 -2.13 -4.33 -5.68
N ASP A 15 -2.89 -3.73 -4.76
CA ASP A 15 -4.24 -3.25 -5.09
C ASP A 15 -4.15 -1.92 -5.81
N SER A 16 -5.00 -1.74 -6.82
CA SER A 16 -5.04 -0.50 -7.56
C SER A 16 -5.53 0.64 -6.67
N SER A 17 -6.29 0.28 -5.65
CA SER A 17 -6.84 1.24 -4.71
C SER A 17 -5.95 1.46 -3.49
N CYS A 18 -4.76 0.85 -3.49
CA CYS A 18 -3.84 1.01 -2.37
C CYS A 18 -2.92 2.21 -2.59
N SER A 19 -2.94 3.14 -1.65
CA SER A 19 -2.12 4.33 -1.73
C SER A 19 -0.75 4.06 -1.12
N CYS A 20 0.27 4.69 -1.68
CA CYS A 20 1.64 4.51 -1.20
C CYS A 20 1.89 5.35 0.05
N ASN A 21 1.30 4.93 1.16
CA ASN A 21 1.48 5.62 2.43
C ASN A 21 2.69 5.03 3.12
N TYR A 22 3.88 5.40 2.61
CA TYR A 22 5.18 4.91 3.09
C TYR A 22 5.18 4.50 4.56
N PRO A 23 5.71 3.31 4.84
CA PRO A 23 6.28 2.43 3.83
C PRO A 23 5.28 1.43 3.22
N ILE A 24 4.21 1.14 3.95
CA ILE A 24 3.19 0.18 3.50
C ILE A 24 2.07 0.85 2.72
N CYS A 25 1.34 0.06 1.95
CA CYS A 25 0.23 0.57 1.17
C CYS A 25 -1.05 0.53 1.99
N VAL A 26 -1.87 1.56 1.87
CA VAL A 26 -3.14 1.63 2.59
C VAL A 26 -4.31 1.54 1.62
N LYS A 27 -5.34 0.82 2.01
CA LYS A 27 -6.53 0.66 1.19
C LYS A 27 -7.77 0.92 2.01
N ASP A 28 -8.57 1.91 1.58
CA ASP A 28 -9.80 2.32 2.25
C ASP A 28 -9.51 2.90 3.64
N GLY A 1 -10.26 1.89 4.82
CA GLY A 1 -10.54 1.37 6.13
C GLY A 1 -9.34 1.42 7.06
N SER A 2 -8.23 0.83 6.63
CA SER A 2 -7.01 0.82 7.44
C SER A 2 -5.77 0.65 6.55
N LEU A 3 -4.80 -0.11 7.03
CA LEU A 3 -3.58 -0.37 6.28
C LEU A 3 -3.84 -1.46 5.25
N CYS A 4 -3.22 -1.34 4.09
CA CYS A 4 -3.40 -2.32 3.03
C CYS A 4 -2.69 -3.63 3.37
N GLY A 5 -1.52 -3.51 3.96
CA GLY A 5 -0.76 -4.70 4.32
C GLY A 5 0.43 -4.90 3.42
N ASP A 6 0.30 -4.47 2.17
CA ASP A 6 1.36 -4.59 1.19
C ASP A 6 2.31 -3.41 1.28
N THR A 7 3.57 -3.63 0.94
CA THR A 7 4.57 -2.59 1.02
C THR A 7 4.78 -1.89 -0.31
N CYS A 8 4.90 -0.57 -0.25
CA CYS A 8 5.12 0.22 -1.45
C CYS A 8 6.55 0.79 -1.45
N PHE A 9 7.22 0.68 -0.31
CA PHE A 9 8.58 1.18 -0.17
C PHE A 9 9.54 0.45 -1.11
N VAL A 10 9.22 -0.80 -1.43
CA VAL A 10 10.06 -1.60 -2.31
C VAL A 10 10.04 -1.05 -3.73
N LEU A 11 8.83 -0.94 -4.28
CA LEU A 11 8.66 -0.42 -5.63
C LEU A 11 7.27 0.19 -5.75
N GLY A 12 6.27 -0.59 -5.40
CA GLY A 12 4.90 -0.15 -5.46
C GLY A 12 3.96 -1.26 -5.05
N CYS A 13 2.86 -0.91 -4.40
CA CYS A 13 1.90 -1.91 -3.94
C CYS A 13 1.17 -2.56 -5.12
N ASN A 14 0.95 -3.86 -5.00
CA ASN A 14 0.29 -4.63 -6.03
C ASN A 14 -1.19 -4.25 -6.13
N ASP A 15 -1.84 -4.13 -4.97
CA ASP A 15 -3.25 -3.77 -4.92
C ASP A 15 -3.46 -2.36 -5.45
N SER A 16 -4.21 -2.26 -6.54
CA SER A 16 -4.47 -0.97 -7.20
C SER A 16 -5.50 -0.13 -6.44
N SER A 17 -6.19 -0.72 -5.48
CA SER A 17 -7.19 0.00 -4.70
C SER A 17 -6.54 0.65 -3.49
N CYS A 18 -5.33 0.20 -3.18
CA CYS A 18 -4.58 0.72 -2.05
C CYS A 18 -3.74 1.92 -2.47
N SER A 19 -3.72 2.95 -1.65
CA SER A 19 -2.92 4.13 -1.96
C SER A 19 -1.51 3.90 -1.48
N CYS A 20 -0.56 4.10 -2.36
CA CYS A 20 0.84 3.89 -2.03
C CYS A 20 1.31 4.80 -0.91
N ASN A 21 1.95 4.19 0.07
CA ASN A 21 2.47 4.87 1.22
C ASN A 21 3.68 4.10 1.71
N TYR A 22 4.59 4.77 2.35
CA TYR A 22 5.79 4.14 2.86
C TYR A 22 5.70 3.97 4.37
N PRO A 23 6.05 2.78 4.88
CA PRO A 23 6.52 1.66 4.07
C PRO A 23 5.38 0.87 3.41
N ILE A 24 4.26 0.78 4.11
CA ILE A 24 3.09 0.04 3.61
C ILE A 24 2.01 1.00 3.13
N CYS A 25 1.20 0.56 2.19
CA CYS A 25 0.13 1.38 1.64
C CYS A 25 -1.14 1.27 2.48
N VAL A 26 -2.14 2.09 2.17
CA VAL A 26 -3.40 2.08 2.90
C VAL A 26 -4.55 1.59 2.03
N LYS A 27 -5.55 1.02 2.66
CA LYS A 27 -6.72 0.52 1.96
C LYS A 27 -7.96 1.05 2.67
N ASP A 28 -8.99 1.39 1.90
CA ASP A 28 -10.25 1.94 2.44
C ASP A 28 -10.66 1.26 3.73
N GLY A 1 -8.93 2.54 5.41
CA GLY A 1 -8.41 2.71 6.75
C GLY A 1 -7.77 1.43 7.24
N SER A 2 -7.17 0.68 6.33
CA SER A 2 -6.52 -0.58 6.69
C SER A 2 -5.34 -0.87 5.78
N LEU A 3 -4.39 -1.64 6.30
CA LEU A 3 -3.19 -2.02 5.56
C LEU A 3 -3.54 -2.97 4.43
N CYS A 4 -2.94 -2.76 3.27
CA CYS A 4 -3.20 -3.62 2.12
C CYS A 4 -2.37 -4.89 2.18
N GLY A 5 -1.12 -4.75 2.63
CA GLY A 5 -0.24 -5.89 2.71
C GLY A 5 1.06 -5.62 1.98
N ASP A 6 0.96 -4.82 0.93
CA ASP A 6 2.11 -4.44 0.13
C ASP A 6 2.76 -3.18 0.71
N THR A 7 4.05 -3.04 0.47
CA THR A 7 4.79 -1.92 0.97
C THR A 7 5.45 -1.14 -0.17
N CYS A 8 5.74 0.13 0.05
CA CYS A 8 6.35 0.96 -0.98
C CYS A 8 7.86 0.88 -0.96
N PHE A 9 8.44 0.33 0.10
CA PHE A 9 9.89 0.24 0.19
C PHE A 9 10.46 -0.87 -0.71
N VAL A 10 9.64 -1.87 -1.03
CA VAL A 10 10.09 -2.95 -1.90
C VAL A 10 9.96 -2.57 -3.37
N LEU A 11 8.75 -2.23 -3.77
CA LEU A 11 8.48 -1.84 -5.16
C LEU A 11 7.29 -0.89 -5.19
N GLY A 12 6.19 -1.33 -4.62
CA GLY A 12 4.99 -0.52 -4.57
C GLY A 12 3.78 -1.33 -4.17
N CYS A 13 2.61 -0.81 -4.49
CA CYS A 13 1.36 -1.49 -4.15
C CYS A 13 0.98 -2.46 -5.25
N ASN A 14 0.64 -3.69 -4.87
CA ASN A 14 0.23 -4.71 -5.81
C ASN A 14 -1.23 -4.49 -6.18
N ASP A 15 -2.04 -4.23 -5.17
CA ASP A 15 -3.46 -3.98 -5.37
C ASP A 15 -3.70 -2.56 -5.91
N SER A 16 -4.46 -2.49 -6.98
CA SER A 16 -4.77 -1.21 -7.62
C SER A 16 -5.72 -0.38 -6.76
N SER A 17 -6.47 -1.06 -5.90
CA SER A 17 -7.41 -0.41 -5.02
C SER A 17 -6.73 -0.03 -3.71
N CYS A 18 -5.48 0.37 -3.82
CA CYS A 18 -4.68 0.74 -2.66
C CYS A 18 -3.84 1.97 -2.94
N SER A 19 -3.49 2.72 -1.90
CA SER A 19 -2.68 3.91 -2.06
C SER A 19 -1.39 3.76 -1.28
N CYS A 20 -0.31 4.31 -1.81
CA CYS A 20 0.97 4.22 -1.14
C CYS A 20 1.12 5.30 -0.08
N ASN A 21 1.34 4.85 1.14
CA ASN A 21 1.54 5.73 2.28
C ASN A 21 2.88 5.36 2.87
N TYR A 22 3.94 5.90 2.27
CA TYR A 22 5.32 5.59 2.64
C TYR A 22 5.50 5.28 4.12
N PRO A 23 6.06 4.11 4.44
CA PRO A 23 6.52 3.13 3.45
C PRO A 23 5.58 1.93 3.24
N ILE A 24 4.29 2.09 3.51
CA ILE A 24 3.34 0.97 3.34
C ILE A 24 2.10 1.38 2.55
N CYS A 25 1.50 0.43 1.87
CA CYS A 25 0.29 0.69 1.08
C CYS A 25 -0.95 0.49 1.94
N VAL A 26 -1.87 1.45 1.89
CA VAL A 26 -3.11 1.38 2.67
C VAL A 26 -4.32 1.82 1.84
N LYS A 27 -5.48 1.32 2.20
CA LYS A 27 -6.72 1.68 1.53
C LYS A 27 -7.82 1.85 2.55
N ASP A 28 -8.63 2.90 2.36
CA ASP A 28 -9.75 3.25 3.25
C ASP A 28 -9.22 3.59 4.65
N GLY A 1 -8.58 2.80 4.39
CA GLY A 1 -8.20 3.33 5.68
C GLY A 1 -7.38 2.36 6.52
N SER A 2 -7.41 1.09 6.16
CA SER A 2 -6.67 0.07 6.89
C SER A 2 -5.38 -0.29 6.15
N LEU A 3 -4.70 -1.31 6.65
CA LEU A 3 -3.45 -1.77 6.04
C LEU A 3 -3.76 -2.45 4.71
N CYS A 4 -3.08 -2.04 3.67
CA CYS A 4 -3.29 -2.61 2.34
C CYS A 4 -2.62 -3.98 2.22
N GLY A 5 -1.49 -4.13 2.89
CA GLY A 5 -0.75 -5.38 2.83
C GLY A 5 0.48 -5.22 1.97
N ASP A 6 0.39 -4.28 1.04
CA ASP A 6 1.47 -3.98 0.12
C ASP A 6 2.40 -2.95 0.75
N THR A 7 3.64 -2.91 0.31
CA THR A 7 4.61 -1.98 0.85
C THR A 7 5.27 -1.17 -0.26
N CYS A 8 5.57 0.09 0.02
CA CYS A 8 6.19 0.97 -0.97
C CYS A 8 7.70 0.86 -0.96
N PHE A 9 8.26 0.44 0.17
CA PHE A 9 9.71 0.31 0.28
C PHE A 9 10.25 -0.84 -0.57
N VAL A 10 9.39 -1.81 -0.88
CA VAL A 10 9.80 -2.94 -1.69
C VAL A 10 9.74 -2.57 -3.18
N LEU A 11 8.56 -2.16 -3.62
CA LEU A 11 8.36 -1.77 -5.01
C LEU A 11 7.22 -0.76 -5.09
N GLY A 12 6.07 -1.16 -4.57
CA GLY A 12 4.92 -0.30 -4.58
C GLY A 12 3.66 -1.06 -4.21
N CYS A 13 2.51 -0.47 -4.48
CA CYS A 13 1.23 -1.11 -4.18
C CYS A 13 0.74 -1.92 -5.38
N ASN A 14 0.44 -3.19 -5.14
CA ASN A 14 -0.04 -4.09 -6.17
C ASN A 14 -1.55 -3.90 -6.39
N ASP A 15 -2.28 -3.79 -5.29
CA ASP A 15 -3.73 -3.62 -5.35
C ASP A 15 -4.11 -2.33 -6.06
N SER A 16 -5.13 -2.41 -6.91
CA SER A 16 -5.60 -1.26 -7.67
C SER A 16 -6.31 -0.25 -6.77
N SER A 17 -6.98 -0.77 -5.76
CA SER A 17 -7.68 0.07 -4.79
C SER A 17 -6.79 0.30 -3.58
N CYS A 18 -5.52 0.49 -3.85
CA CYS A 18 -4.53 0.69 -2.81
C CYS A 18 -3.78 2.00 -3.02
N SER A 19 -3.39 2.64 -1.93
CA SER A 19 -2.67 3.90 -2.00
C SER A 19 -1.35 3.76 -1.27
N CYS A 20 -0.34 4.46 -1.75
CA CYS A 20 0.98 4.39 -1.14
C CYS A 20 1.14 5.47 -0.07
N ASN A 21 1.62 5.03 1.09
CA ASN A 21 1.86 5.92 2.22
C ASN A 21 3.18 5.49 2.85
N TYR A 22 4.28 5.89 2.21
CA TYR A 22 5.64 5.55 2.61
C TYR A 22 5.79 5.27 4.11
N PRO A 23 6.33 4.10 4.46
CA PRO A 23 6.81 3.10 3.50
C PRO A 23 5.83 1.95 3.25
N ILE A 24 4.56 2.10 3.67
CA ILE A 24 3.58 1.03 3.49
C ILE A 24 2.33 1.51 2.73
N CYS A 25 1.65 0.59 2.09
CA CYS A 25 0.45 0.92 1.34
C CYS A 25 -0.80 0.82 2.24
N VAL A 26 -1.75 1.72 2.01
CA VAL A 26 -3.00 1.75 2.76
C VAL A 26 -4.16 1.39 1.85
N LYS A 27 -5.21 0.81 2.42
CA LYS A 27 -6.38 0.42 1.66
C LYS A 27 -7.61 0.47 2.55
N ASP A 28 -8.60 1.25 2.10
CA ASP A 28 -9.85 1.44 2.84
C ASP A 28 -9.56 1.91 4.26
N GLY A 1 -8.80 3.24 4.62
CA GLY A 1 -8.29 3.75 5.90
C GLY A 1 -7.64 2.69 6.75
N SER A 2 -7.25 1.57 6.15
CA SER A 2 -6.61 0.49 6.90
C SER A 2 -5.47 -0.13 6.09
N LEU A 3 -4.51 -0.73 6.79
CA LEU A 3 -3.39 -1.37 6.11
C LEU A 3 -3.88 -2.58 5.35
N CYS A 4 -3.55 -2.67 4.06
CA CYS A 4 -4.03 -3.79 3.25
C CYS A 4 -2.99 -4.90 3.11
N GLY A 5 -2.08 -4.99 4.07
CA GLY A 5 -1.06 -6.03 4.03
C GLY A 5 -0.16 -5.91 2.82
N ASP A 6 0.04 -4.68 2.36
CA ASP A 6 0.89 -4.41 1.20
C ASP A 6 1.92 -3.37 1.62
N THR A 7 3.05 -3.30 0.94
CA THR A 7 4.08 -2.33 1.28
C THR A 7 4.82 -1.81 0.06
N CYS A 8 5.13 -0.53 0.07
CA CYS A 8 5.86 0.11 -1.02
C CYS A 8 7.36 0.00 -0.79
N PHE A 9 7.81 -1.17 -0.35
CA PHE A 9 9.22 -1.40 -0.07
C PHE A 9 10.01 -1.56 -1.37
N VAL A 10 9.51 -2.42 -2.25
CA VAL A 10 10.16 -2.68 -3.52
C VAL A 10 10.04 -1.48 -4.48
N LEU A 11 8.81 -1.12 -4.78
CA LEU A 11 8.54 0.00 -5.67
C LEU A 11 7.19 0.62 -5.30
N GLY A 12 6.19 -0.24 -5.20
CA GLY A 12 4.87 0.22 -4.84
C GLY A 12 3.98 -0.95 -4.44
N CYS A 13 2.72 -0.65 -4.17
CA CYS A 13 1.76 -1.64 -3.76
C CYS A 13 1.43 -2.62 -4.89
N ASN A 14 1.27 -3.89 -4.52
CA ASN A 14 0.92 -4.91 -5.48
C ASN A 14 -0.49 -4.65 -5.98
N ASP A 15 -1.39 -4.41 -5.03
CA ASP A 15 -2.78 -4.11 -5.35
C ASP A 15 -2.91 -2.63 -5.75
N SER A 16 -3.53 -2.39 -6.89
CA SER A 16 -3.72 -1.05 -7.41
C SER A 16 -4.74 -0.24 -6.61
N SER A 17 -5.45 -0.91 -5.71
CA SER A 17 -6.46 -0.25 -4.88
C SER A 17 -5.84 0.31 -3.62
N CYS A 18 -4.63 -0.13 -3.31
CA CYS A 18 -3.91 0.34 -2.12
C CYS A 18 -3.07 1.56 -2.44
N SER A 19 -3.09 2.54 -1.54
CA SER A 19 -2.29 3.73 -1.73
C SER A 19 -0.92 3.54 -1.11
N CYS A 20 0.04 4.17 -1.73
CA CYS A 20 1.43 4.09 -1.30
C CYS A 20 1.75 5.08 -0.18
N ASN A 21 1.32 4.73 1.03
CA ASN A 21 1.61 5.56 2.19
C ASN A 21 2.95 5.10 2.74
N TYR A 22 3.98 5.32 1.92
CA TYR A 22 5.36 4.90 2.19
C TYR A 22 5.70 4.78 3.68
N PRO A 23 6.19 3.60 4.09
CA PRO A 23 6.41 2.46 3.20
C PRO A 23 5.28 1.41 3.26
N ILE A 24 4.15 1.77 3.87
CA ILE A 24 3.03 0.84 4.00
C ILE A 24 1.84 1.21 3.10
N CYS A 25 1.16 0.22 2.57
CA CYS A 25 0.02 0.45 1.71
C CYS A 25 -1.29 0.48 2.49
N VAL A 26 -2.06 1.54 2.26
CA VAL A 26 -3.32 1.72 2.93
C VAL A 26 -4.50 1.68 1.96
N LYS A 27 -5.59 1.10 2.42
CA LYS A 27 -6.80 0.99 1.64
C LYS A 27 -7.98 0.98 2.59
N ASP A 28 -8.99 1.79 2.29
CA ASP A 28 -10.19 1.92 3.15
C ASP A 28 -9.77 2.32 4.57
N GLY A 1 -8.00 4.14 5.04
CA GLY A 1 -7.29 4.34 6.28
C GLY A 1 -6.76 3.06 6.89
N SER A 2 -7.26 1.93 6.42
CA SER A 2 -6.83 0.63 6.93
C SER A 2 -5.65 0.09 6.11
N LEU A 3 -4.83 -0.72 6.76
CA LEU A 3 -3.68 -1.33 6.09
C LEU A 3 -4.16 -2.48 5.22
N CYS A 4 -3.72 -2.51 3.97
CA CYS A 4 -4.14 -3.56 3.05
C CYS A 4 -3.34 -4.84 3.28
N GLY A 5 -2.04 -4.80 3.07
CA GLY A 5 -1.24 -5.99 3.30
C GLY A 5 0.16 -5.92 2.75
N ASP A 6 0.31 -5.47 1.50
CA ASP A 6 1.63 -5.41 0.88
C ASP A 6 2.34 -4.08 1.14
N THR A 7 3.66 -4.14 1.12
CA THR A 7 4.50 -2.98 1.34
C THR A 7 4.71 -2.18 0.05
N CYS A 8 5.01 -0.90 0.18
CA CYS A 8 5.22 -0.06 -0.98
C CYS A 8 6.52 0.74 -0.84
N PHE A 9 7.49 0.18 -0.11
CA PHE A 9 8.75 0.85 0.08
C PHE A 9 9.76 0.44 -0.99
N VAL A 10 9.54 -0.73 -1.59
CA VAL A 10 10.44 -1.23 -2.62
C VAL A 10 10.30 -0.44 -3.92
N LEU A 11 9.11 -0.47 -4.48
CA LEU A 11 8.82 0.25 -5.72
C LEU A 11 7.34 0.59 -5.77
N GLY A 12 6.51 -0.41 -5.54
CA GLY A 12 5.08 -0.24 -5.56
C GLY A 12 4.39 -1.45 -4.97
N CYS A 13 3.33 -1.22 -4.22
CA CYS A 13 2.60 -2.31 -3.60
C CYS A 13 1.68 -3.01 -4.58
N ASN A 14 1.56 -4.32 -4.41
CA ASN A 14 0.73 -5.17 -5.25
C ASN A 14 -0.74 -4.82 -5.09
N ASP A 15 -1.08 -4.23 -3.94
CA ASP A 15 -2.45 -3.82 -3.65
C ASP A 15 -2.87 -2.67 -4.57
N SER A 16 -3.30 -3.01 -5.78
CA SER A 16 -3.71 -2.03 -6.78
C SER A 16 -4.88 -1.19 -6.30
N SER A 17 -5.73 -1.77 -5.49
CA SER A 17 -6.89 -1.07 -4.95
C SER A 17 -6.54 -0.37 -3.64
N CYS A 18 -5.28 0.01 -3.49
CA CYS A 18 -4.80 0.67 -2.29
C CYS A 18 -3.78 1.73 -2.65
N SER A 19 -3.59 2.71 -1.78
CA SER A 19 -2.63 3.77 -2.02
C SER A 19 -1.27 3.40 -1.47
N CYS A 20 -0.27 3.99 -2.06
CA CYS A 20 1.11 3.75 -1.66
C CYS A 20 1.49 4.62 -0.47
N ASN A 21 0.99 4.25 0.69
CA ASN A 21 1.30 4.97 1.91
C ASN A 21 2.55 4.37 2.53
N TYR A 22 3.70 4.88 2.10
CA TYR A 22 5.00 4.40 2.54
C TYR A 22 5.02 4.12 4.04
N PRO A 23 5.61 2.98 4.44
CA PRO A 23 6.22 2.02 3.50
C PRO A 23 5.31 0.84 3.12
N ILE A 24 4.00 1.04 3.11
CA ILE A 24 3.07 -0.04 2.76
C ILE A 24 1.91 0.46 1.91
N CYS A 25 0.91 -0.40 1.73
CA CYS A 25 -0.26 -0.06 0.94
C CYS A 25 -1.48 0.03 1.88
N VAL A 26 -2.29 1.08 1.72
CA VAL A 26 -3.45 1.27 2.59
C VAL A 26 -4.70 1.66 1.80
N LYS A 27 -5.86 1.37 2.38
CA LYS A 27 -7.13 1.70 1.77
C LYS A 27 -8.14 2.00 2.87
N ASP A 28 -8.88 3.09 2.68
CA ASP A 28 -9.89 3.53 3.65
C ASP A 28 -9.26 3.73 5.03
N GLY A 1 -8.42 3.54 5.06
CA GLY A 1 -7.80 3.89 6.34
C GLY A 1 -7.30 2.67 7.08
N SER A 2 -7.06 1.58 6.35
CA SER A 2 -6.58 0.35 6.95
C SER A 2 -5.37 -0.17 6.19
N LEU A 3 -4.51 -0.90 6.90
CA LEU A 3 -3.31 -1.47 6.30
C LEU A 3 -3.68 -2.64 5.38
N CYS A 4 -3.01 -2.73 4.24
CA CYS A 4 -3.30 -3.80 3.29
C CYS A 4 -2.16 -3.96 2.29
N GLY A 5 -2.02 -5.16 1.74
CA GLY A 5 -0.98 -5.42 0.79
C GLY A 5 0.37 -5.62 1.46
N ASP A 6 1.35 -4.85 1.04
CA ASP A 6 2.70 -4.93 1.59
C ASP A 6 3.27 -3.52 1.77
N THR A 7 4.47 -3.30 1.25
CA THR A 7 5.12 -2.02 1.37
C THR A 7 5.55 -1.49 0.01
N CYS A 8 5.42 -0.19 -0.19
CA CYS A 8 5.78 0.42 -1.46
C CYS A 8 7.22 0.94 -1.44
N PHE A 9 7.95 0.71 -0.35
CA PHE A 9 9.32 1.17 -0.29
C PHE A 9 10.21 0.27 -1.12
N VAL A 10 9.75 -0.97 -1.34
CA VAL A 10 10.48 -1.92 -2.17
C VAL A 10 10.26 -1.58 -3.63
N LEU A 11 9.00 -1.50 -4.01
CA LEU A 11 8.61 -1.16 -5.37
C LEU A 11 7.23 -0.50 -5.35
N GLY A 12 6.24 -1.24 -4.89
CA GLY A 12 4.89 -0.73 -4.82
C GLY A 12 3.86 -1.86 -4.88
N CYS A 13 2.71 -1.65 -4.26
CA CYS A 13 1.67 -2.65 -4.26
C CYS A 13 1.04 -2.77 -5.65
N ASN A 14 0.97 -4.01 -6.14
CA ASN A 14 0.40 -4.29 -7.46
C ASN A 14 -1.08 -3.93 -7.48
N ASP A 15 -1.73 -4.11 -6.34
CA ASP A 15 -3.16 -3.80 -6.20
C ASP A 15 -3.38 -2.30 -6.27
N SER A 16 -4.27 -1.89 -7.16
CA SER A 16 -4.59 -0.47 -7.34
C SER A 16 -5.57 0.04 -6.30
N SER A 17 -5.98 -0.82 -5.38
CA SER A 17 -6.94 -0.43 -4.36
C SER A 17 -6.20 0.16 -3.16
N CYS A 18 -5.07 -0.45 -2.81
CA CYS A 18 -4.27 0.01 -1.70
C CYS A 18 -3.29 1.08 -2.16
N SER A 19 -3.35 2.24 -1.54
CA SER A 19 -2.49 3.36 -1.91
C SER A 19 -1.09 3.20 -1.33
N CYS A 20 -0.11 3.70 -2.07
CA CYS A 20 1.29 3.65 -1.67
C CYS A 20 1.61 4.73 -0.64
N ASN A 21 0.99 4.66 0.52
CA ASN A 21 1.24 5.62 1.58
C ASN A 21 2.40 5.11 2.41
N TYR A 22 3.61 5.31 1.87
CA TYR A 22 4.87 4.87 2.48
C TYR A 22 4.85 4.91 4.00
N PRO A 23 5.43 3.87 4.62
CA PRO A 23 6.07 2.76 3.91
C PRO A 23 5.11 1.67 3.41
N ILE A 24 4.05 1.41 4.16
CA ILE A 24 3.09 0.35 3.82
C ILE A 24 1.94 0.84 2.93
N CYS A 25 1.20 -0.10 2.37
CA CYS A 25 0.06 0.23 1.52
C CYS A 25 -1.19 0.34 2.39
N VAL A 26 -2.06 1.29 2.08
CA VAL A 26 -3.28 1.48 2.88
C VAL A 26 -4.52 1.68 2.01
N LYS A 27 -5.65 1.21 2.52
CA LYS A 27 -6.92 1.33 1.83
C LYS A 27 -8.02 1.41 2.87
N ASP A 28 -8.96 2.34 2.68
CA ASP A 28 -10.07 2.53 3.62
C ASP A 28 -9.54 2.84 5.02
N GLY A 1 -8.76 3.03 4.38
CA GLY A 1 -8.38 3.48 5.70
C GLY A 1 -7.60 2.45 6.50
N SER A 2 -7.69 1.19 6.09
CA SER A 2 -6.98 0.11 6.77
C SER A 2 -5.68 -0.23 6.06
N LEU A 3 -4.86 -1.07 6.68
CA LEU A 3 -3.60 -1.47 6.10
C LEU A 3 -3.86 -2.44 4.94
N CYS A 4 -3.27 -2.16 3.79
CA CYS A 4 -3.45 -2.98 2.61
C CYS A 4 -2.81 -4.35 2.82
N GLY A 5 -1.57 -4.36 3.30
CA GLY A 5 -0.87 -5.60 3.52
C GLY A 5 0.53 -5.57 2.97
N ASP A 6 0.65 -5.05 1.76
CA ASP A 6 1.95 -4.96 1.09
C ASP A 6 2.65 -3.67 1.48
N THR A 7 3.97 -3.72 1.52
CA THR A 7 4.77 -2.56 1.84
C THR A 7 5.15 -1.83 0.55
N CYS A 8 5.12 -0.51 0.59
CA CYS A 8 5.44 0.26 -0.61
C CYS A 8 6.83 0.89 -0.52
N PHE A 9 7.76 0.20 0.13
CA PHE A 9 9.11 0.71 0.24
C PHE A 9 9.97 0.10 -0.86
N VAL A 10 9.48 -0.97 -1.47
CA VAL A 10 10.19 -1.65 -2.54
C VAL A 10 9.90 -0.99 -3.89
N LEU A 11 8.65 -1.05 -4.32
CA LEU A 11 8.23 -0.47 -5.58
C LEU A 11 6.76 -0.08 -5.52
N GLY A 12 5.93 -1.02 -5.06
CA GLY A 12 4.51 -0.76 -4.96
C GLY A 12 3.80 -1.89 -4.24
N CYS A 13 2.53 -2.11 -4.57
CA CYS A 13 1.74 -3.15 -3.93
C CYS A 13 0.84 -3.83 -4.96
N ASN A 14 0.25 -4.96 -4.57
CA ASN A 14 -0.61 -5.73 -5.46
C ASN A 14 -1.92 -5.01 -5.80
N ASP A 15 -2.68 -4.62 -4.79
CA ASP A 15 -3.96 -3.93 -5.01
C ASP A 15 -3.71 -2.51 -5.51
N SER A 16 -4.38 -2.15 -6.60
CA SER A 16 -4.24 -0.82 -7.20
C SER A 16 -4.99 0.26 -6.41
N SER A 17 -5.86 -0.17 -5.51
CA SER A 17 -6.64 0.75 -4.71
C SER A 17 -5.88 1.13 -3.44
N CYS A 18 -4.74 0.50 -3.25
CA CYS A 18 -3.92 0.76 -2.08
C CYS A 18 -2.97 1.91 -2.34
N SER A 19 -3.09 2.96 -1.53
CA SER A 19 -2.24 4.12 -1.66
C SER A 19 -0.85 3.84 -1.11
N CYS A 20 0.15 4.39 -1.78
CA CYS A 20 1.54 4.19 -1.38
C CYS A 20 1.91 5.14 -0.23
N ASN A 21 1.45 4.83 0.97
CA ASN A 21 1.76 5.63 2.14
C ASN A 21 3.05 5.10 2.75
N TYR A 22 4.18 5.47 2.14
CA TYR A 22 5.50 5.03 2.54
C TYR A 22 5.62 4.84 4.06
N PRO A 23 6.13 3.66 4.48
CA PRO A 23 6.56 2.59 3.60
C PRO A 23 5.54 1.44 3.44
N ILE A 24 4.24 1.72 3.64
CA ILE A 24 3.23 0.67 3.51
C ILE A 24 2.00 1.17 2.75
N CYS A 25 1.30 0.26 2.09
CA CYS A 25 0.12 0.65 1.35
C CYS A 25 -1.11 0.62 2.23
N VAL A 26 -1.99 1.59 2.04
CA VAL A 26 -3.22 1.70 2.80
C VAL A 26 -4.41 1.58 1.86
N LYS A 27 -5.50 0.99 2.34
CA LYS A 27 -6.69 0.82 1.53
C LYS A 27 -7.92 0.88 2.41
N ASP A 28 -8.88 1.70 2.00
CA ASP A 28 -10.14 1.87 2.74
C ASP A 28 -9.86 2.29 4.18
N GLY A 1 -7.41 3.40 4.92
CA GLY A 1 -6.63 3.69 6.10
C GLY A 1 -5.92 2.47 6.68
N SER A 2 -6.43 1.27 6.39
CA SER A 2 -5.83 0.06 6.91
C SER A 2 -4.83 -0.53 5.90
N LEU A 3 -3.81 -1.21 6.41
CA LEU A 3 -2.80 -1.83 5.56
C LEU A 3 -3.46 -2.83 4.62
N CYS A 4 -3.19 -2.74 3.32
CA CYS A 4 -3.79 -3.67 2.37
C CYS A 4 -2.99 -4.95 2.28
N GLY A 5 -1.66 -4.83 2.37
CA GLY A 5 -0.81 -5.98 2.30
C GLY A 5 0.51 -5.66 1.63
N ASP A 6 0.47 -4.70 0.72
CA ASP A 6 1.65 -4.30 -0.04
C ASP A 6 2.44 -3.24 0.72
N THR A 7 3.67 -3.03 0.29
CA THR A 7 4.54 -2.03 0.89
C THR A 7 5.30 -1.29 -0.18
N CYS A 8 5.52 0.00 0.03
CA CYS A 8 6.21 0.82 -0.96
C CYS A 8 7.72 0.78 -0.78
N PHE A 9 8.18 0.27 0.36
CA PHE A 9 9.61 0.19 0.58
C PHE A 9 10.22 -0.99 -0.18
N VAL A 10 9.37 -1.92 -0.61
CA VAL A 10 9.83 -3.07 -1.37
C VAL A 10 9.83 -2.75 -2.87
N LEU A 11 8.67 -2.40 -3.39
CA LEU A 11 8.53 -2.07 -4.81
C LEU A 11 7.36 -1.10 -5.00
N GLY A 12 6.19 -1.49 -4.51
CA GLY A 12 5.02 -0.66 -4.61
C GLY A 12 3.79 -1.40 -4.16
N CYS A 13 2.64 -1.06 -4.73
CA CYS A 13 1.39 -1.71 -4.36
C CYS A 13 0.80 -2.48 -5.54
N ASN A 14 0.57 -3.77 -5.34
CA ASN A 14 -0.03 -4.61 -6.37
C ASN A 14 -1.52 -4.33 -6.45
N ASP A 15 -2.11 -4.13 -5.27
CA ASP A 15 -3.53 -3.82 -5.16
C ASP A 15 -3.81 -2.49 -5.86
N SER A 16 -4.64 -2.55 -6.90
CA SER A 16 -4.97 -1.37 -7.70
C SER A 16 -5.71 -0.30 -6.90
N SER A 17 -6.44 -0.71 -5.89
CA SER A 17 -7.20 0.22 -5.07
C SER A 17 -6.43 0.63 -3.81
N CYS A 18 -5.22 0.12 -3.67
CA CYS A 18 -4.41 0.44 -2.50
C CYS A 18 -3.56 1.68 -2.76
N SER A 19 -3.43 2.53 -1.75
CA SER A 19 -2.65 3.75 -1.87
C SER A 19 -1.24 3.53 -1.36
N CYS A 20 -0.28 4.10 -2.05
CA CYS A 20 1.12 3.98 -1.67
C CYS A 20 1.47 5.01 -0.60
N ASN A 21 1.09 4.73 0.63
CA ASN A 21 1.40 5.61 1.74
C ASN A 21 2.76 5.21 2.30
N TYR A 22 3.78 5.51 1.50
CA TYR A 22 5.16 5.19 1.81
C TYR A 22 5.49 5.21 3.30
N PRO A 23 6.15 4.14 3.78
CA PRO A 23 6.57 3.02 2.96
C PRO A 23 5.61 1.82 2.97
N ILE A 24 4.33 2.05 3.28
CA ILE A 24 3.36 0.95 3.30
C ILE A 24 2.09 1.27 2.51
N CYS A 25 1.52 0.27 1.87
CA CYS A 25 0.32 0.46 1.09
C CYS A 25 -0.93 0.26 1.96
N VAL A 26 -1.87 1.20 1.86
CA VAL A 26 -3.08 1.12 2.68
C VAL A 26 -4.36 1.33 1.86
N LYS A 27 -5.43 0.71 2.36
CA LYS A 27 -6.75 0.81 1.78
C LYS A 27 -7.70 1.19 2.89
N ASP A 28 -8.45 2.26 2.68
CA ASP A 28 -9.40 2.74 3.70
C ASP A 28 -8.69 3.02 5.01
N GLY A 1 -8.79 2.47 4.45
CA GLY A 1 -8.50 3.17 5.69
C GLY A 1 -7.73 2.31 6.69
N SER A 2 -7.00 1.33 6.18
CA SER A 2 -6.22 0.44 7.03
C SER A 2 -4.99 -0.04 6.27
N LEU A 3 -4.40 -1.14 6.74
CA LEU A 3 -3.23 -1.71 6.10
C LEU A 3 -3.61 -2.40 4.79
N CYS A 4 -2.84 -2.14 3.76
CA CYS A 4 -3.11 -2.72 2.45
C CYS A 4 -2.46 -4.09 2.35
N GLY A 5 -1.18 -4.17 2.69
CA GLY A 5 -0.47 -5.42 2.65
C GLY A 5 0.96 -5.26 2.20
N ASP A 6 1.16 -4.50 1.13
CA ASP A 6 2.50 -4.29 0.59
C ASP A 6 3.17 -3.09 1.25
N THR A 7 4.44 -2.91 0.92
CA THR A 7 5.24 -1.82 1.44
C THR A 7 5.75 -0.95 0.31
N CYS A 8 6.03 0.31 0.59
CA CYS A 8 6.54 1.22 -0.42
C CYS A 8 8.07 1.16 -0.49
N PHE A 9 8.62 -0.04 -0.30
CA PHE A 9 10.06 -0.26 -0.34
C PHE A 9 10.39 -1.60 -0.96
N VAL A 10 9.63 -1.97 -1.99
CA VAL A 10 9.86 -3.23 -2.70
C VAL A 10 9.52 -3.08 -4.17
N LEU A 11 8.28 -2.74 -4.46
CA LEU A 11 7.83 -2.55 -5.83
C LEU A 11 6.69 -1.55 -5.85
N GLY A 12 5.66 -1.82 -5.07
CA GLY A 12 4.51 -0.94 -4.99
C GLY A 12 3.40 -1.56 -4.18
N CYS A 13 2.17 -1.39 -4.62
CA CYS A 13 1.02 -1.95 -3.93
C CYS A 13 0.33 -2.96 -4.83
N ASN A 14 -0.11 -4.07 -4.25
CA ASN A 14 -0.76 -5.14 -5.01
C ASN A 14 -2.12 -4.71 -5.55
N ASP A 15 -2.99 -4.25 -4.65
CA ASP A 15 -4.33 -3.83 -5.05
C ASP A 15 -4.29 -2.58 -5.91
N SER A 16 -5.11 -2.56 -6.96
CA SER A 16 -5.17 -1.44 -7.88
C SER A 16 -5.72 -0.18 -7.20
N SER A 17 -6.62 -0.38 -6.26
CA SER A 17 -7.22 0.73 -5.54
C SER A 17 -6.47 1.02 -4.24
N CYS A 18 -5.26 0.50 -4.16
CA CYS A 18 -4.41 0.68 -2.99
C CYS A 18 -3.55 1.93 -3.15
N SER A 19 -3.22 2.57 -2.03
CA SER A 19 -2.41 3.77 -2.08
C SER A 19 -1.12 3.60 -1.28
N CYS A 20 -0.08 4.29 -1.69
CA CYS A 20 1.20 4.20 -1.01
C CYS A 20 1.34 5.28 0.05
N ASN A 21 1.73 4.86 1.24
CA ASN A 21 1.93 5.77 2.36
C ASN A 21 3.16 5.30 3.12
N TYR A 22 4.31 5.77 2.65
CA TYR A 22 5.62 5.40 3.20
C TYR A 22 5.58 5.13 4.70
N PRO A 23 6.12 3.97 5.12
CA PRO A 23 6.75 3.00 4.22
C PRO A 23 5.85 1.82 3.84
N ILE A 24 4.52 1.96 3.94
CA ILE A 24 3.62 0.85 3.61
C ILE A 24 2.43 1.31 2.77
N CYS A 25 1.75 0.36 2.16
CA CYS A 25 0.57 0.66 1.36
C CYS A 25 -0.67 0.66 2.26
N VAL A 26 -1.62 1.54 1.97
CA VAL A 26 -2.84 1.63 2.75
C VAL A 26 -4.06 1.37 1.88
N LYS A 27 -5.05 0.71 2.44
CA LYS A 27 -6.27 0.39 1.73
C LYS A 27 -7.45 0.30 2.69
N ASP A 28 -8.60 0.81 2.25
CA ASP A 28 -9.84 0.80 3.05
C ASP A 28 -9.62 1.43 4.42
N GLY A 1 -9.22 2.97 4.56
CA GLY A 1 -8.89 3.34 5.91
C GLY A 1 -8.33 2.15 6.68
N SER A 2 -7.68 1.26 5.96
CA SER A 2 -7.10 0.06 6.56
C SER A 2 -5.70 -0.17 6.01
N LEU A 3 -4.84 -0.73 6.84
CA LEU A 3 -3.46 -1.00 6.46
C LEU A 3 -3.39 -2.26 5.60
N CYS A 4 -2.67 -2.15 4.49
CA CYS A 4 -2.49 -3.28 3.59
C CYS A 4 -1.16 -3.96 3.86
N GLY A 5 -1.09 -5.27 3.63
CA GLY A 5 0.14 -6.00 3.83
C GLY A 5 1.12 -5.74 2.71
N ASP A 6 0.71 -4.88 1.79
CA ASP A 6 1.51 -4.50 0.64
C ASP A 6 2.40 -3.32 0.99
N THR A 7 3.64 -3.38 0.54
CA THR A 7 4.59 -2.32 0.80
C THR A 7 4.92 -1.56 -0.48
N CYS A 8 4.98 -0.24 -0.39
CA CYS A 8 5.27 0.59 -1.54
C CYS A 8 6.71 1.09 -1.51
N PHE A 9 7.37 0.90 -0.36
CA PHE A 9 8.75 1.33 -0.21
C PHE A 9 9.68 0.51 -1.09
N VAL A 10 9.27 -0.71 -1.42
CA VAL A 10 10.08 -1.59 -2.25
C VAL A 10 10.03 -1.14 -3.71
N LEU A 11 8.84 -1.13 -4.28
CA LEU A 11 8.67 -0.72 -5.66
C LEU A 11 7.26 -0.18 -5.86
N GLY A 12 6.27 -0.99 -5.50
CA GLY A 12 4.89 -0.60 -5.64
C GLY A 12 3.96 -1.72 -5.23
N CYS A 13 2.85 -1.36 -4.63
CA CYS A 13 1.86 -2.34 -4.18
C CYS A 13 1.06 -2.88 -5.35
N ASN A 14 0.77 -4.17 -5.32
CA ASN A 14 0.02 -4.83 -6.39
C ASN A 14 -1.43 -4.35 -6.43
N ASP A 15 -2.08 -4.34 -5.27
CA ASP A 15 -3.48 -3.91 -5.20
C ASP A 15 -3.60 -2.42 -5.54
N SER A 16 -4.39 -2.14 -6.57
CA SER A 16 -4.61 -0.77 -7.02
C SER A 16 -5.52 -0.02 -6.06
N SER A 17 -6.11 -0.75 -5.11
CA SER A 17 -7.00 -0.15 -4.14
C SER A 17 -6.20 0.37 -2.94
N CYS A 18 -5.03 -0.22 -2.73
CA CYS A 18 -4.14 0.21 -1.65
C CYS A 18 -3.22 1.31 -2.16
N SER A 19 -3.34 2.50 -1.58
CA SER A 19 -2.51 3.61 -1.99
C SER A 19 -1.19 3.58 -1.25
N CYS A 20 -0.20 4.19 -1.85
CA CYS A 20 1.13 4.23 -1.28
C CYS A 20 1.19 5.12 -0.05
N ASN A 21 1.64 4.54 1.04
CA ASN A 21 1.78 5.23 2.32
C ASN A 21 2.97 4.60 3.03
N TYR A 22 4.16 4.90 2.48
CA TYR A 22 5.43 4.35 2.95
C TYR A 22 5.46 4.14 4.46
N PRO A 23 5.99 2.98 4.90
CA PRO A 23 6.54 1.95 4.00
C PRO A 23 5.48 1.09 3.28
N ILE A 24 4.35 0.85 3.93
CA ILE A 24 3.30 0.00 3.37
C ILE A 24 2.29 0.79 2.52
N CYS A 25 1.13 0.18 2.30
CA CYS A 25 0.06 0.81 1.54
C CYS A 25 -1.24 0.83 2.36
N VAL A 26 -2.11 1.78 2.07
CA VAL A 26 -3.37 1.90 2.80
C VAL A 26 -4.56 1.82 1.86
N LYS A 27 -5.55 1.03 2.24
CA LYS A 27 -6.75 0.86 1.45
C LYS A 27 -7.94 1.46 2.16
N ASP A 28 -8.44 2.58 1.64
CA ASP A 28 -9.57 3.31 2.20
C ASP A 28 -9.22 3.86 3.58
N GLY A 1 -9.24 2.39 4.28
CA GLY A 1 -9.06 3.19 5.47
C GLY A 1 -8.20 2.51 6.52
N SER A 2 -7.37 1.57 6.10
CA SER A 2 -6.50 0.85 7.01
C SER A 2 -5.23 0.40 6.27
N LEU A 3 -4.58 -0.62 6.80
CA LEU A 3 -3.37 -1.14 6.19
C LEU A 3 -3.71 -2.07 5.03
N CYS A 4 -3.08 -1.82 3.88
CA CYS A 4 -3.32 -2.64 2.69
C CYS A 4 -2.63 -3.99 2.81
N GLY A 5 -1.34 -3.97 3.07
CA GLY A 5 -0.59 -5.20 3.20
C GLY A 5 0.72 -5.12 2.45
N ASP A 6 0.70 -4.50 1.28
CA ASP A 6 1.90 -4.36 0.47
C ASP A 6 2.67 -3.11 0.87
N THR A 7 3.98 -3.19 0.73
CA THR A 7 4.84 -2.08 1.06
C THR A 7 5.19 -1.27 -0.18
N CYS A 8 5.18 0.05 -0.06
CA CYS A 8 5.48 0.92 -1.17
C CYS A 8 6.97 1.27 -1.22
N PHE A 9 7.64 1.09 -0.08
CA PHE A 9 9.06 1.40 0.00
C PHE A 9 9.88 0.41 -0.84
N VAL A 10 9.34 -0.79 -1.04
CA VAL A 10 10.02 -1.80 -1.84
C VAL A 10 9.82 -1.53 -3.33
N LEU A 11 8.57 -1.45 -3.74
CA LEU A 11 8.25 -1.19 -5.15
C LEU A 11 6.90 -0.49 -5.25
N GLY A 12 5.85 -1.18 -4.82
CA GLY A 12 4.52 -0.62 -4.88
C GLY A 12 3.46 -1.69 -4.78
N CYS A 13 2.33 -1.34 -4.20
CA CYS A 13 1.20 -2.26 -4.04
C CYS A 13 0.51 -2.52 -5.38
N ASN A 14 0.15 -3.78 -5.62
CA ASN A 14 -0.49 -4.16 -6.87
C ASN A 14 -1.97 -3.80 -6.87
N ASP A 15 -2.60 -3.82 -5.70
CA ASP A 15 -4.03 -3.51 -5.59
C ASP A 15 -4.26 -2.03 -5.93
N SER A 16 -5.17 -1.79 -6.87
CA SER A 16 -5.49 -0.43 -7.31
C SER A 16 -6.21 0.37 -6.23
N SER A 17 -6.71 -0.32 -5.20
CA SER A 17 -7.42 0.33 -4.12
C SER A 17 -6.44 0.76 -3.04
N CYS A 18 -5.23 0.22 -3.11
CA CYS A 18 -4.19 0.54 -2.14
C CYS A 18 -3.40 1.75 -2.58
N SER A 19 -3.35 2.76 -1.72
CA SER A 19 -2.59 3.96 -2.02
C SER A 19 -1.15 3.75 -1.59
N CYS A 20 -0.23 4.10 -2.46
CA CYS A 20 1.19 3.94 -2.18
C CYS A 20 1.63 4.94 -1.11
N ASN A 21 2.20 4.42 -0.06
CA ASN A 21 2.68 5.24 1.04
C ASN A 21 3.85 4.52 1.69
N TYR A 22 4.73 5.27 2.30
CA TYR A 22 5.88 4.70 2.96
C TYR A 22 5.63 4.53 4.45
N PRO A 23 5.95 3.36 5.01
CA PRO A 23 6.54 2.26 4.26
C PRO A 23 5.51 1.32 3.61
N ILE A 24 4.31 1.26 4.19
CA ILE A 24 3.26 0.38 3.69
C ILE A 24 2.14 1.16 3.00
N CYS A 25 1.38 0.45 2.17
CA CYS A 25 0.27 1.04 1.43
C CYS A 25 -1.00 1.02 2.28
N VAL A 26 -1.88 1.97 2.03
CA VAL A 26 -3.13 2.05 2.78
C VAL A 26 -4.31 1.66 1.90
N LYS A 27 -5.27 0.94 2.47
CA LYS A 27 -6.45 0.49 1.74
C LYS A 27 -7.62 0.33 2.69
N ASP A 28 -8.82 0.65 2.20
CA ASP A 28 -10.06 0.53 2.98
C ASP A 28 -9.95 1.27 4.30
N GLY A 1 -8.74 3.41 4.38
CA GLY A 1 -8.35 4.17 5.55
C GLY A 1 -7.68 3.32 6.62
N SER A 2 -7.09 2.21 6.20
CA SER A 2 -6.42 1.31 7.13
C SER A 2 -5.22 0.66 6.45
N LEU A 3 -4.73 -0.44 7.01
CA LEU A 3 -3.58 -1.15 6.45
C LEU A 3 -3.98 -1.90 5.19
N CYS A 4 -3.19 -1.72 4.13
CA CYS A 4 -3.46 -2.39 2.87
C CYS A 4 -2.89 -3.80 2.85
N GLY A 5 -1.65 -3.93 3.31
CA GLY A 5 -1.00 -5.23 3.35
C GLY A 5 0.25 -5.25 2.50
N ASP A 6 0.18 -4.57 1.35
CA ASP A 6 1.33 -4.49 0.44
C ASP A 6 2.21 -3.32 0.84
N THR A 7 3.47 -3.38 0.43
CA THR A 7 4.43 -2.33 0.76
C THR A 7 4.85 -1.54 -0.48
N CYS A 8 5.02 -0.24 -0.33
CA CYS A 8 5.42 0.60 -1.45
C CYS A 8 6.68 1.41 -1.10
N PHE A 9 7.53 0.82 -0.25
CA PHE A 9 8.75 1.49 0.15
C PHE A 9 9.92 1.07 -0.74
N VAL A 10 9.62 0.32 -1.78
CA VAL A 10 10.64 -0.15 -2.72
C VAL A 10 10.07 -0.29 -4.13
N LEU A 11 9.04 -1.10 -4.27
CA LEU A 11 8.40 -1.31 -5.56
C LEU A 11 7.16 -0.43 -5.68
N GLY A 12 5.98 -1.05 -5.61
CA GLY A 12 4.75 -0.31 -5.72
C GLY A 12 3.55 -1.22 -5.62
N CYS A 13 2.57 -0.83 -4.81
CA CYS A 13 1.37 -1.62 -4.63
C CYS A 13 0.53 -1.61 -5.90
N ASN A 14 0.36 -2.80 -6.47
CA ASN A 14 -0.38 -2.97 -7.72
C ASN A 14 -1.90 -2.94 -7.51
N ASP A 15 -2.34 -3.26 -6.30
CA ASP A 15 -3.77 -3.29 -5.99
C ASP A 15 -4.42 -1.94 -6.25
N SER A 16 -5.46 -1.94 -7.07
CA SER A 16 -6.19 -0.73 -7.41
C SER A 16 -6.96 -0.19 -6.21
N SER A 17 -7.35 -1.09 -5.33
CA SER A 17 -8.09 -0.70 -4.13
C SER A 17 -7.08 -0.48 -2.99
N CYS A 18 -5.95 0.09 -3.35
CA CYS A 18 -4.87 0.35 -2.41
C CYS A 18 -4.08 1.57 -2.85
N SER A 19 -3.58 2.34 -1.90
CA SER A 19 -2.81 3.53 -2.23
C SER A 19 -1.40 3.39 -1.69
N CYS A 20 -0.44 3.78 -2.51
CA CYS A 20 0.96 3.70 -2.13
C CYS A 20 1.29 4.63 -0.97
N ASN A 21 1.96 4.07 0.02
CA ASN A 21 2.38 4.80 1.18
C ASN A 21 3.65 4.14 1.70
N TYR A 22 4.41 4.84 2.50
CA TYR A 22 5.64 4.31 3.03
C TYR A 22 5.54 4.10 4.54
N PRO A 23 5.97 2.94 5.02
CA PRO A 23 6.53 1.88 4.18
C PRO A 23 5.44 1.00 3.54
N ILE A 24 4.34 0.82 4.25
CA ILE A 24 3.23 0.00 3.77
C ILE A 24 2.16 0.88 3.14
N CYS A 25 1.35 0.27 2.28
CA CYS A 25 0.28 0.99 1.61
C CYS A 25 -0.99 1.02 2.46
N VAL A 26 -1.91 1.92 2.10
CA VAL A 26 -3.17 2.05 2.83
C VAL A 26 -4.35 1.54 2.01
N LYS A 27 -5.34 1.02 2.71
CA LYS A 27 -6.55 0.49 2.09
C LYS A 27 -7.74 0.76 2.99
N ASP A 28 -8.77 1.40 2.43
CA ASP A 28 -9.99 1.74 3.16
C ASP A 28 -9.68 2.46 4.47
N GLY A 1 -8.57 3.22 3.74
CA GLY A 1 -8.32 3.82 5.04
C GLY A 1 -7.65 2.86 6.00
N SER A 2 -7.78 1.57 5.72
CA SER A 2 -7.17 0.55 6.55
C SER A 2 -5.76 0.22 6.08
N LEU A 3 -5.07 -0.62 6.83
CA LEU A 3 -3.72 -1.02 6.49
C LEU A 3 -3.73 -1.97 5.30
N CYS A 4 -2.94 -1.66 4.30
CA CYS A 4 -2.85 -2.48 3.11
C CYS A 4 -1.76 -3.52 3.29
N GLY A 5 -2.03 -4.76 2.91
CA GLY A 5 -1.07 -5.84 3.05
C GLY A 5 0.04 -5.80 2.01
N ASP A 6 0.58 -4.61 1.78
CA ASP A 6 1.66 -4.42 0.81
C ASP A 6 2.50 -3.23 1.23
N THR A 7 3.69 -3.12 0.65
CA THR A 7 4.58 -2.02 0.97
C THR A 7 4.99 -1.27 -0.30
N CYS A 8 5.03 0.05 -0.22
CA CYS A 8 5.39 0.86 -1.38
C CYS A 8 6.85 1.24 -1.34
N PHE A 9 7.52 0.97 -0.22
CA PHE A 9 8.93 1.30 -0.08
C PHE A 9 9.79 0.43 -1.01
N VAL A 10 9.26 -0.74 -1.36
CA VAL A 10 9.97 -1.66 -2.25
C VAL A 10 9.92 -1.17 -3.68
N LEU A 11 8.71 -1.01 -4.20
CA LEU A 11 8.51 -0.54 -5.57
C LEU A 11 7.17 0.17 -5.68
N GLY A 12 6.10 -0.54 -5.32
CA GLY A 12 4.77 0.01 -5.39
C GLY A 12 3.74 -1.03 -5.03
N CYS A 13 2.62 -0.59 -4.45
CA CYS A 13 1.55 -1.49 -4.05
C CYS A 13 0.92 -2.16 -5.27
N ASN A 14 0.77 -3.48 -5.20
CA ASN A 14 0.21 -4.25 -6.30
C ASN A 14 -1.30 -4.04 -6.45
N ASP A 15 -2.02 -3.93 -5.34
CA ASP A 15 -3.47 -3.75 -5.36
C ASP A 15 -3.83 -2.39 -5.96
N SER A 16 -4.74 -2.40 -6.91
CA SER A 16 -5.20 -1.19 -7.58
C SER A 16 -6.08 -0.35 -6.64
N SER A 17 -6.63 -1.01 -5.63
CA SER A 17 -7.48 -0.35 -4.66
C SER A 17 -6.62 0.20 -3.53
N CYS A 18 -5.39 -0.28 -3.50
CA CYS A 18 -4.42 0.11 -2.51
C CYS A 18 -3.63 1.32 -2.97
N SER A 19 -3.33 2.22 -2.04
CA SER A 19 -2.59 3.43 -2.35
C SER A 19 -1.20 3.35 -1.79
N CYS A 20 -0.29 4.01 -2.48
CA CYS A 20 1.10 4.04 -2.10
C CYS A 20 1.32 4.85 -0.83
N ASN A 21 2.01 4.23 0.11
CA ASN A 21 2.35 4.82 1.38
C ASN A 21 3.62 4.18 1.86
N TYR A 22 4.43 4.93 2.58
CA TYR A 22 5.70 4.41 3.08
C TYR A 22 5.67 4.26 4.59
N PRO A 23 6.14 3.10 5.10
CA PRO A 23 6.67 2.03 4.27
C PRO A 23 5.57 1.13 3.69
N ILE A 24 4.53 0.91 4.50
CA ILE A 24 3.40 0.08 4.11
C ILE A 24 2.35 0.91 3.41
N CYS A 25 1.58 0.27 2.54
CA CYS A 25 0.55 0.96 1.78
C CYS A 25 -0.77 1.02 2.56
N VAL A 26 -1.74 1.76 2.03
CA VAL A 26 -3.04 1.90 2.68
C VAL A 26 -4.15 1.53 1.71
N LYS A 27 -5.26 1.01 2.22
CA LYS A 27 -6.37 0.62 1.37
C LYS A 27 -7.67 0.86 2.12
N ASP A 28 -8.57 1.64 1.49
CA ASP A 28 -9.87 2.03 2.07
C ASP A 28 -9.72 2.60 3.48
#